data_7AG6
#
_entry.id   7AG6
#
_cell.length_a   94.880
_cell.length_b   94.880
_cell.length_c   167.430
_cell.angle_alpha   90.000
_cell.angle_beta   90.000
_cell.angle_gamma   120.000
#
_symmetry.space_group_name_H-M   'P 32 2 1'
#
loop_
_entity.id
_entity.type
_entity.pdbx_description
1 polymer 'Sulfofructose kinase'
2 non-polymer "ADENOSINE-5'-DIPHOSPHATE"
3 non-polymer 6-deoxy-6-sulfo-D-fructose
4 non-polymer 'MAGNESIUM ION'
5 water water
#
_entity_poly.entity_id   1
_entity_poly.type   'polypeptide(L)'
_entity_poly.pdbx_seq_one_letter_code
;MIRVACVGITVMDRIYYVEGLPTESGKYVARNYTEVGGGPAATAAVAAARLGAQVDFIGRVGDDDTGNSLLAELESWGVN
TRYTKRYNQAKSSQSAIMVDTKGERIIINYPSPDLLPDAEWLEEIDFSQWDVVLADVRWHDGAKKAFTLARQAGVMTVLD
GDITPQDISELVALSDHAAFSEPGLARLTGVKEMASALKQAQTLTNGHVYVTQGSAGCDWLENGGRQHQPAFKVDVVDTT
GAGDVFHGALAVALATSGDLAESVRFASGVAALKCTRPGGRAGIPDCDQTRSFLSLFVLEHHHHHH
;
_entity_poly.pdbx_strand_id   A,B
#
# COMPACT_ATOMS: atom_id res chain seq x y z
N MET A 1 38.90 10.44 -2.26
CA MET A 1 37.61 10.19 -2.96
C MET A 1 36.56 11.21 -2.49
N ILE A 2 35.33 11.06 -2.96
CA ILE A 2 34.21 11.98 -2.65
C ILE A 2 33.59 11.52 -1.35
N ARG A 3 33.46 12.46 -0.41
CA ARG A 3 32.76 12.26 0.89
C ARG A 3 31.39 12.94 0.79
N VAL A 4 30.32 12.17 0.95
CA VAL A 4 28.90 12.57 0.76
C VAL A 4 28.15 12.40 2.08
N ALA A 5 27.34 13.40 2.46
CA ALA A 5 26.24 13.25 3.43
C ALA A 5 24.91 13.33 2.71
N CYS A 6 24.00 12.41 3.04
CA CYS A 6 22.61 12.41 2.54
C CYS A 6 21.69 12.54 3.75
N VAL A 7 20.94 13.65 3.78
CA VAL A 7 20.05 14.01 4.90
C VAL A 7 18.60 13.89 4.42
N GLY A 8 17.77 13.16 5.14
CA GLY A 8 16.38 13.00 4.72
C GLY A 8 15.73 11.78 5.33
N ILE A 9 14.86 11.14 4.56
CA ILE A 9 14.01 10.05 5.05
C ILE A 9 14.55 8.71 4.53
N THR A 10 14.42 7.68 5.37
CA THR A 10 14.59 6.24 5.08
C THR A 10 13.25 5.62 5.41
N VAL A 11 12.66 4.91 4.46
CA VAL A 11 11.31 4.31 4.62
C VAL A 11 11.34 2.91 4.07
N MET A 12 10.52 2.01 4.59
CA MET A 12 10.38 0.64 4.02
C MET A 12 9.37 0.74 2.87
N ASP A 13 9.80 0.40 1.67
CA ASP A 13 8.94 0.34 0.46
C ASP A 13 8.25 -1.02 0.40
N ARG A 14 6.93 -0.98 0.41
CA ARG A 14 6.04 -2.13 0.19
C ARG A 14 5.51 -1.98 -1.22
N ILE A 15 6.12 -2.69 -2.17
CA ILE A 15 5.88 -2.48 -3.63
C ILE A 15 5.01 -3.62 -4.16
N TYR A 16 3.84 -3.24 -4.69
CA TYR A 16 2.81 -4.10 -5.29
C TYR A 16 2.88 -3.89 -6.81
N TYR A 17 3.20 -4.95 -7.55
CA TYR A 17 3.21 -4.96 -9.03
C TYR A 17 1.82 -5.38 -9.48
N VAL A 18 1.14 -4.45 -10.15
CA VAL A 18 -0.28 -4.61 -10.61
C VAL A 18 -0.32 -4.64 -12.15
N GLU A 19 -1.45 -5.09 -12.71
CA GLU A 19 -1.73 -5.10 -14.17
C GLU A 19 -1.80 -3.65 -14.66
N GLY A 20 -2.45 -2.79 -13.86
CA GLY A 20 -2.65 -1.37 -14.14
C GLY A 20 -2.81 -0.58 -12.85
N LEU A 21 -2.47 0.70 -12.86
CA LEU A 21 -2.59 1.54 -11.66
C LEU A 21 -4.06 1.59 -11.26
N PRO A 22 -4.41 1.28 -10.00
CA PRO A 22 -5.80 1.37 -9.56
C PRO A 22 -6.30 2.82 -9.58
N THR A 23 -7.15 3.15 -10.57
CA THR A 23 -7.72 4.49 -10.86
C THR A 23 -8.97 4.75 -10.03
N GLU A 24 -9.76 3.70 -9.74
CA GLU A 24 -11.11 3.74 -9.12
C GLU A 24 -11.15 2.82 -7.89
N SER A 25 -12.09 3.08 -7.00
CA SER A 25 -12.38 2.23 -5.82
C SER A 25 -12.67 0.79 -6.29
N GLY A 26 -12.34 -0.19 -5.46
CA GLY A 26 -12.44 -1.61 -5.85
C GLY A 26 -11.38 -2.48 -5.20
N LYS A 27 -11.44 -3.77 -5.52
CA LYS A 27 -10.48 -4.79 -5.05
C LYS A 27 -9.58 -5.19 -6.20
N TYR A 28 -8.27 -5.13 -5.99
CA TYR A 28 -7.25 -5.53 -6.97
C TYR A 28 -6.33 -6.59 -6.37
N VAL A 29 -5.73 -7.39 -7.23
CA VAL A 29 -4.75 -8.43 -6.85
C VAL A 29 -3.40 -8.06 -7.47
N ALA A 30 -2.35 -7.98 -6.65
CA ALA A 30 -0.96 -7.80 -7.10
C ALA A 30 -0.45 -9.11 -7.70
N ARG A 31 0.23 -9.06 -8.83
CA ARG A 31 0.94 -10.19 -9.47
C ARG A 31 2.22 -10.51 -8.70
N ASN A 32 2.75 -9.53 -7.99
CA ASN A 32 4.04 -9.71 -7.30
C ASN A 32 4.21 -8.61 -6.25
N TYR A 33 5.17 -8.79 -5.36
CA TYR A 33 5.35 -7.95 -4.16
C TYR A 33 6.81 -8.00 -3.77
N THR A 34 7.40 -6.85 -3.47
CA THR A 34 8.77 -6.79 -2.93
C THR A 34 8.77 -5.75 -1.81
N GLU A 35 9.49 -6.07 -0.75
CA GLU A 35 9.71 -5.20 0.41
C GLU A 35 11.18 -4.79 0.39
N VAL A 36 11.48 -3.51 0.16
CA VAL A 36 12.88 -3.03 0.02
C VAL A 36 12.98 -1.61 0.63
N GLY A 37 14.15 -1.28 1.16
CA GLY A 37 14.50 0.08 1.62
C GLY A 37 14.33 1.12 0.52
N GLY A 38 13.81 2.29 0.90
CA GLY A 38 13.63 3.46 0.02
C GLY A 38 13.76 4.76 0.78
N GLY A 39 13.19 5.83 0.22
CA GLY A 39 13.32 7.20 0.74
C GLY A 39 14.33 7.98 -0.10
N PRO A 40 14.04 9.21 -0.54
CA PRO A 40 14.91 9.88 -1.52
C PRO A 40 16.37 9.97 -1.06
N ALA A 41 16.66 10.53 0.12
CA ALA A 41 18.04 10.69 0.62
C ALA A 41 18.69 9.30 0.81
N ALA A 42 17.94 8.32 1.30
CA ALA A 42 18.52 7.00 1.64
C ALA A 42 18.91 6.26 0.35
N THR A 43 18.05 6.28 -0.66
CA THR A 43 18.34 5.63 -1.96
C THR A 43 19.46 6.40 -2.66
N ALA A 44 19.48 7.72 -2.53
CA ALA A 44 20.53 8.58 -3.12
C ALA A 44 21.89 8.19 -2.50
N ALA A 45 21.92 7.96 -1.19
CA ALA A 45 23.14 7.51 -0.46
C ALA A 45 23.63 6.18 -1.07
N VAL A 46 22.72 5.26 -1.36
CA VAL A 46 23.07 3.91 -1.90
C VAL A 46 23.67 4.11 -3.28
N ALA A 47 23.09 4.99 -4.11
CA ALA A 47 23.63 5.33 -5.43
C ALA A 47 25.05 5.89 -5.28
N ALA A 48 25.27 6.84 -4.36
CA ALA A 48 26.60 7.43 -4.13
C ALA A 48 27.59 6.33 -3.74
N ALA A 49 27.21 5.43 -2.83
CA ALA A 49 28.06 4.32 -2.32
C ALA A 49 28.42 3.37 -3.47
N ARG A 50 27.44 3.05 -4.31
CA ARG A 50 27.67 2.17 -5.48
C ARG A 50 28.66 2.82 -6.43
N LEU A 51 28.68 4.14 -6.49
CA LEU A 51 29.49 4.91 -7.46
C LEU A 51 30.84 5.24 -6.84
N GLY A 52 31.20 4.67 -5.70
CA GLY A 52 32.57 4.78 -5.16
C GLY A 52 32.71 5.77 -4.01
N ALA A 53 31.71 6.60 -3.71
CA ALA A 53 31.84 7.65 -2.68
C ALA A 53 31.86 7.02 -1.27
N GLN A 54 32.46 7.71 -0.29
CA GLN A 54 32.28 7.48 1.17
C GLN A 54 31.02 8.23 1.61
N VAL A 55 30.00 7.53 2.08
CA VAL A 55 28.63 8.07 2.20
C VAL A 55 28.15 7.91 3.66
N ASP A 56 27.66 9.00 4.24
CA ASP A 56 26.84 9.00 5.48
C ASP A 56 25.40 9.26 5.12
N PHE A 57 24.51 8.46 5.69
CA PHE A 57 23.06 8.73 5.69
C PHE A 57 22.69 9.27 7.07
N ILE A 58 21.98 10.39 7.07
CA ILE A 58 21.55 11.08 8.32
C ILE A 58 20.03 11.25 8.25
N GLY A 59 19.32 10.47 9.05
CA GLY A 59 17.85 10.51 9.11
C GLY A 59 17.37 9.91 10.42
N ARG A 60 16.14 9.44 10.44
CA ARG A 60 15.45 9.02 11.68
C ARG A 60 14.74 7.71 11.41
N VAL A 61 14.95 6.76 12.29
CA VAL A 61 14.21 5.47 12.31
C VAL A 61 13.62 5.27 13.71
N GLY A 62 12.60 4.44 13.79
CA GLY A 62 12.06 3.90 15.04
C GLY A 62 12.90 2.73 15.52
N ASP A 63 12.47 2.09 16.62
CA ASP A 63 13.11 0.90 17.24
C ASP A 63 12.28 -0.36 16.89
N ASP A 64 11.39 -0.30 15.91
CA ASP A 64 10.68 -1.49 15.35
C ASP A 64 11.69 -2.32 14.54
N ASP A 65 11.31 -3.54 14.12
CA ASP A 65 12.16 -4.39 13.26
C ASP A 65 12.46 -3.65 11.93
N THR A 66 11.47 -2.99 11.32
CA THR A 66 11.63 -2.12 10.12
C THR A 66 12.84 -1.19 10.29
N GLY A 67 12.92 -0.42 11.37
CA GLY A 67 14.06 0.49 11.64
C GLY A 67 15.39 -0.24 11.48
N ASN A 68 15.53 -1.37 12.16
CA ASN A 68 16.81 -2.11 12.18
C ASN A 68 17.08 -2.69 10.79
N SER A 69 16.04 -3.11 10.07
CA SER A 69 16.21 -3.59 8.66
C SER A 69 16.65 -2.44 7.76
N LEU A 70 16.06 -1.25 7.89
CA LEU A 70 16.39 -0.09 7.04
C LEU A 70 17.88 0.21 7.16
N LEU A 71 18.38 0.27 8.40
CA LEU A 71 19.80 0.62 8.69
C LEU A 71 20.74 -0.53 8.28
N ALA A 72 20.38 -1.78 8.56
CA ALA A 72 21.20 -2.95 8.16
C ALA A 72 21.33 -2.99 6.64
N GLU A 73 20.26 -2.69 5.91
CA GLU A 73 20.29 -2.68 4.43
C GLU A 73 21.27 -1.60 3.95
N LEU A 74 21.19 -0.37 4.48
CA LEU A 74 22.08 0.76 4.10
C LEU A 74 23.53 0.34 4.38
N GLU A 75 23.82 -0.25 5.53
CA GLU A 75 25.19 -0.70 5.89
C GLU A 75 25.66 -1.72 4.85
N SER A 76 24.81 -2.65 4.43
CA SER A 76 25.21 -3.69 3.43
C SER A 76 25.50 -3.06 2.06
N TRP A 77 24.96 -1.87 1.76
CA TRP A 77 25.27 -1.14 0.49
C TRP A 77 26.54 -0.29 0.65
N GLY A 78 27.17 -0.27 1.82
CA GLY A 78 28.36 0.58 2.05
C GLY A 78 27.98 1.99 2.51
N VAL A 79 26.74 2.21 2.97
CA VAL A 79 26.32 3.53 3.52
C VAL A 79 26.46 3.48 5.04
N ASN A 80 27.15 4.45 5.60
CA ASN A 80 27.37 4.59 7.05
C ASN A 80 26.13 5.26 7.67
N THR A 81 25.59 4.65 8.74
CA THR A 81 24.38 5.12 9.45
C THR A 81 24.72 5.63 10.85
N ARG A 82 25.98 5.89 11.14
CA ARG A 82 26.44 6.33 12.48
C ARG A 82 25.70 7.61 12.93
N TYR A 83 25.26 8.49 12.04
CA TYR A 83 24.61 9.78 12.44
C TYR A 83 23.09 9.68 12.45
N THR A 84 22.53 8.52 12.10
CA THR A 84 21.06 8.33 12.08
C THR A 84 20.58 8.22 13.54
N LYS A 85 19.47 8.86 13.83
CA LYS A 85 18.83 8.84 15.16
C LYS A 85 17.82 7.68 15.18
N ARG A 86 17.87 6.84 16.23
CA ARG A 86 16.84 5.82 16.54
C ARG A 86 15.93 6.40 17.62
N TYR A 87 14.67 6.68 17.31
CA TYR A 87 13.63 7.01 18.32
C TYR A 87 13.12 5.72 18.97
N ASN A 88 12.95 5.80 20.29
CA ASN A 88 12.40 4.73 21.16
C ASN A 88 10.88 4.76 21.12
N GLN A 89 10.26 3.58 21.16
CA GLN A 89 8.79 3.43 21.16
C GLN A 89 8.28 4.10 19.88
N ALA A 90 8.89 3.80 18.74
CA ALA A 90 8.63 4.52 17.48
C ALA A 90 8.54 3.52 16.35
N LYS A 91 7.51 3.68 15.51
CA LYS A 91 7.43 3.00 14.19
C LYS A 91 8.31 3.80 13.21
N SER A 92 8.97 3.11 12.29
CA SER A 92 9.72 3.71 11.17
C SER A 92 8.74 4.15 10.08
N SER A 93 9.15 5.05 9.19
CA SER A 93 8.28 5.49 8.08
C SER A 93 8.22 4.39 7.04
N GLN A 94 7.14 4.32 6.27
CA GLN A 94 6.97 3.28 5.23
C GLN A 94 6.03 3.82 4.15
N SER A 95 6.05 3.17 3.00
CA SER A 95 5.23 3.55 1.82
C SER A 95 4.58 2.30 1.25
N ALA A 96 3.37 2.44 0.73
CA ALA A 96 2.80 1.46 -0.19
C ALA A 96 3.00 1.98 -1.61
N ILE A 97 3.54 1.15 -2.49
CA ILE A 97 3.84 1.59 -3.88
C ILE A 97 3.18 0.60 -4.85
N MET A 98 2.49 1.13 -5.83
CA MET A 98 1.87 0.31 -6.91
C MET A 98 2.62 0.62 -8.20
N VAL A 99 3.17 -0.41 -8.83
CA VAL A 99 3.94 -0.31 -10.09
C VAL A 99 3.17 -1.09 -11.18
N ASP A 100 2.82 -0.45 -12.29
CA ASP A 100 2.09 -1.10 -13.42
C ASP A 100 3.14 -1.79 -14.30
N THR A 101 2.73 -2.41 -15.40
CA THR A 101 3.65 -3.25 -16.24
C THR A 101 4.59 -2.35 -17.06
N LYS A 102 4.29 -1.06 -17.21
CA LYS A 102 5.17 -0.07 -17.90
C LYS A 102 6.17 0.53 -16.89
N GLY A 103 6.09 0.22 -15.58
CA GLY A 103 7.02 0.71 -14.55
C GLY A 103 6.63 2.07 -13.97
N GLU A 104 5.44 2.58 -14.32
CA GLU A 104 4.85 3.81 -13.70
C GLU A 104 4.34 3.44 -12.30
N ARG A 105 4.35 4.40 -11.36
CA ARG A 105 4.11 4.08 -9.92
C ARG A 105 3.20 5.14 -9.26
N ILE A 106 2.37 4.64 -8.35
CA ILE A 106 1.68 5.44 -7.30
C ILE A 106 2.39 5.11 -5.98
N ILE A 107 2.83 6.13 -5.27
CA ILE A 107 3.47 6.02 -3.93
C ILE A 107 2.54 6.68 -2.93
N ILE A 108 2.16 5.94 -1.88
CA ILE A 108 1.46 6.47 -0.70
C ILE A 108 2.48 6.40 0.43
N ASN A 109 2.97 7.56 0.88
CA ASN A 109 3.94 7.58 1.99
C ASN A 109 3.20 7.88 3.31
N TYR A 110 3.57 7.17 4.36
CA TYR A 110 3.15 7.46 5.75
C TYR A 110 4.38 7.80 6.58
N PRO A 111 4.62 9.09 6.83
CA PRO A 111 5.67 9.51 7.76
C PRO A 111 5.21 9.19 9.18
N SER A 112 5.95 8.35 9.88
CA SER A 112 5.71 7.98 11.29
C SER A 112 5.68 9.25 12.11
N PRO A 113 4.61 9.51 12.88
CA PRO A 113 4.58 10.71 13.74
C PRO A 113 5.41 10.49 15.02
N ASP A 114 5.98 9.30 15.21
CA ASP A 114 6.91 8.99 16.34
C ASP A 114 8.30 9.57 16.02
N LEU A 115 8.57 9.89 14.75
CA LEU A 115 9.86 10.52 14.36
C LEU A 115 9.64 12.03 14.43
N LEU A 116 10.21 12.66 15.46
CA LEU A 116 10.03 14.11 15.70
C LEU A 116 10.74 14.86 14.58
N PRO A 117 10.16 15.99 14.14
CA PRO A 117 10.81 16.85 13.14
C PRO A 117 12.04 17.60 13.65
N ASP A 118 12.23 17.72 14.96
CA ASP A 118 13.39 18.44 15.57
C ASP A 118 14.68 18.09 14.81
N ALA A 119 15.43 19.11 14.38
CA ALA A 119 16.73 18.93 13.69
C ALA A 119 17.90 19.49 14.48
N GLU A 120 17.70 19.86 15.75
CA GLU A 120 18.75 20.61 16.52
C GLU A 120 19.93 19.69 16.76
N TRP A 121 19.68 18.39 16.88
CA TRP A 121 20.75 17.38 17.12
C TRP A 121 21.80 17.38 15.97
N LEU A 122 21.45 17.83 14.76
CA LEU A 122 22.41 17.97 13.63
C LEU A 122 23.52 18.97 13.97
N GLU A 123 23.29 19.91 14.88
CA GLU A 123 24.31 20.95 15.26
C GLU A 123 25.53 20.26 15.89
N GLU A 124 25.39 19.05 16.40
CA GLU A 124 26.53 18.34 17.03
C GLU A 124 27.39 17.68 15.96
N ILE A 125 26.96 17.67 14.69
CA ILE A 125 27.71 16.99 13.60
C ILE A 125 28.58 18.04 12.90
N ASP A 126 29.83 17.66 12.60
CA ASP A 126 30.80 18.49 11.83
C ASP A 126 30.49 18.33 10.34
N PHE A 127 29.82 19.29 9.72
CA PHE A 127 29.41 19.22 8.29
C PHE A 127 30.61 19.50 7.36
N SER A 128 31.69 20.01 7.92
CA SER A 128 32.91 20.35 7.15
C SER A 128 33.64 19.07 6.74
N GLN A 129 33.22 17.89 7.22
CA GLN A 129 33.92 16.61 6.87
C GLN A 129 33.45 16.11 5.49
N TRP A 130 32.50 16.76 4.81
CA TRP A 130 31.96 16.22 3.53
C TRP A 130 32.24 17.19 2.39
N ASP A 131 32.37 16.67 1.17
CA ASP A 131 32.54 17.47 -0.08
C ASP A 131 31.17 17.94 -0.60
N VAL A 132 30.10 17.23 -0.26
CA VAL A 132 28.74 17.56 -0.77
C VAL A 132 27.72 17.06 0.25
N VAL A 133 26.67 17.86 0.47
CA VAL A 133 25.51 17.47 1.30
C VAL A 133 24.29 17.48 0.40
N LEU A 134 23.65 16.32 0.30
CA LEU A 134 22.36 16.13 -0.38
C LEU A 134 21.28 16.10 0.71
N ALA A 135 20.12 16.69 0.45
CA ALA A 135 18.97 16.58 1.36
C ALA A 135 17.72 16.40 0.51
N ASP A 136 16.76 15.63 1.03
CA ASP A 136 15.40 15.56 0.44
C ASP A 136 14.52 16.51 1.24
N VAL A 137 13.36 16.86 0.69
CA VAL A 137 12.42 17.86 1.25
C VAL A 137 11.44 17.15 2.20
N ARG A 138 11.52 15.83 2.35
CA ARG A 138 10.51 15.09 3.13
C ARG A 138 10.82 15.17 4.63
N TRP A 139 12.04 15.57 5.07
CA TRP A 139 12.34 16.00 6.48
C TRP A 139 12.73 17.48 6.46
N HIS A 140 11.74 18.36 6.56
CA HIS A 140 11.87 19.80 6.21
C HIS A 140 12.94 20.43 7.11
N ASP A 141 12.82 20.23 8.42
CA ASP A 141 13.72 20.89 9.40
C ASP A 141 15.12 20.27 9.24
N GLY A 142 15.23 18.98 8.91
CA GLY A 142 16.57 18.36 8.73
C GLY A 142 17.29 18.99 7.53
N ALA A 143 16.56 19.20 6.44
CA ALA A 143 17.12 19.78 5.21
C ALA A 143 17.56 21.24 5.52
N LYS A 144 16.69 22.02 6.16
CA LYS A 144 16.97 23.45 6.47
C LYS A 144 18.26 23.54 7.32
N LYS A 145 18.34 22.75 8.36
CA LYS A 145 19.47 22.78 9.32
C LYS A 145 20.74 22.29 8.63
N ALA A 146 20.68 21.14 7.95
CA ALA A 146 21.84 20.54 7.26
C ALA A 146 22.37 21.54 6.22
N PHE A 147 21.52 22.15 5.41
CA PHE A 147 22.00 23.08 4.35
C PHE A 147 22.57 24.33 5.00
N THR A 148 21.99 24.80 6.11
CA THR A 148 22.52 25.99 6.81
C THR A 148 23.93 25.67 7.30
N LEU A 149 24.10 24.54 7.98
CA LEU A 149 25.43 24.13 8.52
C LEU A 149 26.40 23.89 7.36
N ALA A 150 25.94 23.33 6.25
CA ALA A 150 26.79 23.00 5.07
C ALA A 150 27.27 24.31 4.43
N ARG A 151 26.37 25.25 4.15
CA ARG A 151 26.75 26.59 3.63
C ARG A 151 27.76 27.24 4.59
N GLN A 152 27.55 27.15 5.89
CA GLN A 152 28.48 27.81 6.87
C GLN A 152 29.85 27.14 6.79
N ALA A 153 29.91 25.85 6.47
CA ALA A 153 31.19 25.09 6.39
C ALA A 153 31.78 25.20 4.97
N GLY A 154 31.11 25.88 4.03
CA GLY A 154 31.55 26.00 2.63
C GLY A 154 31.37 24.69 1.85
N VAL A 155 30.39 23.88 2.22
CA VAL A 155 30.17 22.57 1.55
C VAL A 155 28.97 22.68 0.61
N MET A 156 29.15 22.21 -0.64
CA MET A 156 28.12 22.21 -1.71
C MET A 156 26.85 21.52 -1.21
N THR A 157 25.67 22.11 -1.48
CA THR A 157 24.34 21.56 -1.12
C THR A 157 23.57 21.20 -2.39
N VAL A 158 22.98 20.00 -2.42
CA VAL A 158 22.17 19.49 -3.55
C VAL A 158 20.81 19.08 -2.98
N LEU A 159 19.73 19.66 -3.50
CA LEU A 159 18.37 19.41 -2.98
C LEU A 159 17.64 18.43 -3.91
N ASP A 160 16.97 17.44 -3.34
CA ASP A 160 15.95 16.62 -4.05
C ASP A 160 14.59 17.28 -3.84
N GLY A 161 14.21 18.11 -4.79
CA GLY A 161 12.98 18.92 -4.70
C GLY A 161 11.81 18.13 -5.20
N ASP A 162 11.38 17.15 -4.41
CA ASP A 162 10.18 16.33 -4.76
C ASP A 162 8.93 17.06 -4.29
N ILE A 163 7.78 16.52 -4.69
CA ILE A 163 6.46 16.97 -4.17
C ILE A 163 6.41 16.60 -2.69
N THR A 164 5.85 17.50 -1.90
CA THR A 164 5.71 17.39 -0.44
C THR A 164 4.65 18.40 -0.03
N PRO A 165 3.93 18.20 1.07
CA PRO A 165 2.83 19.11 1.40
C PRO A 165 3.30 20.55 1.70
N GLN A 166 4.44 20.73 2.37
CA GLN A 166 4.90 22.07 2.79
C GLN A 166 5.61 22.80 1.63
N ASP A 167 5.62 24.13 1.70
CA ASP A 167 6.40 25.02 0.80
C ASP A 167 7.90 24.82 1.06
N ILE A 168 8.68 24.56 0.01
CA ILE A 168 10.14 24.30 0.11
C ILE A 168 10.99 25.51 -0.30
N SER A 169 10.39 26.68 -0.55
CA SER A 169 11.10 27.97 -0.85
C SER A 169 12.40 28.12 -0.05
N GLU A 170 12.32 27.98 1.27
CA GLU A 170 13.50 28.30 2.13
C GLU A 170 14.58 27.21 1.93
N LEU A 171 14.20 25.99 1.51
CA LEU A 171 15.21 24.91 1.26
C LEU A 171 15.93 25.23 -0.05
N VAL A 172 15.18 25.74 -1.03
CA VAL A 172 15.69 26.11 -2.39
C VAL A 172 16.73 27.23 -2.24
N ALA A 173 16.44 28.22 -1.42
CA ALA A 173 17.35 29.36 -1.17
C ALA A 173 18.69 28.83 -0.60
N LEU A 174 18.66 27.77 0.20
CA LEU A 174 19.88 27.19 0.82
C LEU A 174 20.57 26.18 -0.10
N SER A 175 20.02 25.95 -1.30
CA SER A 175 20.48 24.94 -2.29
C SER A 175 21.48 25.54 -3.28
N ASP A 176 22.66 24.96 -3.44
CA ASP A 176 23.60 25.31 -4.56
C ASP A 176 23.04 24.72 -5.87
N HIS A 177 22.36 23.60 -5.77
CA HIS A 177 21.73 22.84 -6.88
C HIS A 177 20.39 22.34 -6.39
N ALA A 178 19.31 22.90 -6.92
CA ALA A 178 17.92 22.53 -6.55
C ALA A 178 17.35 21.73 -7.72
N ALA A 179 17.39 20.43 -7.62
CA ALA A 179 16.96 19.51 -8.69
C ALA A 179 15.56 19.01 -8.33
N PHE A 180 14.55 19.62 -8.94
CA PHE A 180 13.12 19.31 -8.71
C PHE A 180 12.72 18.13 -9.58
N SER A 181 11.69 17.41 -9.13
CA SER A 181 10.81 16.56 -9.93
C SER A 181 9.78 17.48 -10.59
N GLU A 182 9.16 17.01 -11.67
CA GLU A 182 8.08 17.77 -12.35
C GLU A 182 7.00 18.11 -11.33
N PRO A 183 6.44 17.13 -10.58
CA PRO A 183 5.41 17.45 -9.59
C PRO A 183 5.94 18.40 -8.50
N GLY A 184 7.20 18.24 -8.11
CA GLY A 184 7.82 19.07 -7.05
C GLY A 184 7.83 20.55 -7.42
N LEU A 185 8.25 20.81 -8.66
CA LEU A 185 8.37 22.18 -9.23
C LEU A 185 6.97 22.79 -9.40
N ALA A 186 6.01 22.02 -9.92
CA ALA A 186 4.60 22.44 -10.08
C ALA A 186 3.98 22.81 -8.72
N ARG A 187 4.14 21.98 -7.70
CA ARG A 187 3.62 22.28 -6.34
C ARG A 187 4.32 23.55 -5.83
N LEU A 188 5.64 23.68 -5.97
CA LEU A 188 6.40 24.82 -5.38
C LEU A 188 5.94 26.15 -6.00
N THR A 189 5.75 26.18 -7.32
CA THR A 189 5.50 27.43 -8.08
C THR A 189 4.00 27.61 -8.32
N GLY A 190 3.23 26.52 -8.29
CA GLY A 190 1.82 26.50 -8.74
C GLY A 190 1.68 26.80 -10.22
N VAL A 191 2.69 26.47 -11.03
CA VAL A 191 2.70 26.67 -12.52
C VAL A 191 2.93 25.30 -13.16
N LYS A 192 2.05 24.88 -14.09
CA LYS A 192 2.10 23.52 -14.69
C LYS A 192 3.08 23.53 -15.87
N GLU A 193 3.32 24.68 -16.51
CA GLU A 193 4.25 24.75 -17.68
C GLU A 193 5.71 24.78 -17.18
N MET A 194 6.50 23.74 -17.49
CA MET A 194 7.82 23.47 -16.86
C MET A 194 8.77 24.64 -17.12
N ALA A 195 8.80 25.21 -18.33
CA ALA A 195 9.75 26.27 -18.71
C ALA A 195 9.52 27.54 -17.87
N SER A 196 8.27 27.91 -17.67
CA SER A 196 7.90 29.13 -16.89
C SER A 196 8.10 28.86 -15.40
N ALA A 197 7.79 27.64 -14.96
CA ALA A 197 7.95 27.19 -13.55
C ALA A 197 9.44 27.27 -13.15
N LEU A 198 10.31 26.76 -14.02
CA LEU A 198 11.77 26.73 -13.77
C LEU A 198 12.29 28.18 -13.64
N LYS A 199 11.83 29.12 -14.47
CA LYS A 199 12.22 30.57 -14.34
C LYS A 199 11.74 31.09 -12.99
N GLN A 200 10.51 30.72 -12.56
CA GLN A 200 9.99 31.12 -11.23
C GLN A 200 10.85 30.51 -10.12
N ALA A 201 11.20 29.23 -10.20
CA ALA A 201 12.08 28.58 -9.21
C ALA A 201 13.41 29.33 -9.13
N GLN A 202 13.96 29.74 -10.27
CA GLN A 202 15.29 30.42 -10.32
C GLN A 202 15.27 31.66 -9.44
N THR A 203 14.13 32.37 -9.35
CA THR A 203 14.03 33.59 -8.49
C THR A 203 14.18 33.24 -7.01
N LEU A 204 14.13 31.96 -6.60
CA LEU A 204 14.17 31.58 -5.17
C LEU A 204 15.61 31.33 -4.69
N THR A 205 16.60 31.29 -5.58
CA THR A 205 17.97 30.89 -5.17
C THR A 205 19.02 31.51 -6.09
N ASN A 206 20.20 31.72 -5.55
CA ASN A 206 21.42 32.03 -6.33
C ASN A 206 22.04 30.74 -6.89
N GLY A 207 21.55 29.57 -6.49
CA GLY A 207 22.08 28.30 -7.03
C GLY A 207 21.47 27.96 -8.37
N HIS A 208 21.74 26.75 -8.85
CA HIS A 208 21.23 26.21 -10.14
C HIS A 208 19.90 25.50 -9.91
N VAL A 209 18.96 25.64 -10.84
CA VAL A 209 17.65 24.93 -10.78
C VAL A 209 17.58 23.96 -11.94
N TYR A 210 17.09 22.75 -11.66
CA TYR A 210 16.89 21.66 -12.63
C TYR A 210 15.49 21.13 -12.44
N VAL A 211 14.94 20.49 -13.46
CA VAL A 211 13.68 19.71 -13.31
C VAL A 211 13.82 18.41 -14.09
N THR A 212 13.64 17.27 -13.42
CA THR A 212 13.61 15.94 -14.09
C THR A 212 12.17 15.67 -14.53
N GLN A 213 12.01 14.98 -15.66
CA GLN A 213 10.68 14.76 -16.30
C GLN A 213 10.54 13.31 -16.74
N GLY A 214 11.04 12.37 -15.96
CA GLY A 214 11.01 10.94 -16.32
C GLY A 214 11.70 10.67 -17.63
N SER A 215 11.02 10.04 -18.59
CA SER A 215 11.61 9.62 -19.90
C SER A 215 11.81 10.83 -20.81
N ALA A 216 11.25 11.99 -20.50
CA ALA A 216 11.52 13.26 -21.24
C ALA A 216 12.85 13.89 -20.78
N GLY A 217 13.55 13.30 -19.80
CA GLY A 217 14.93 13.72 -19.41
C GLY A 217 14.94 14.87 -18.41
N CYS A 218 15.91 15.78 -18.52
CA CYS A 218 16.19 16.80 -17.49
C CYS A 218 16.46 18.15 -18.14
N ASP A 219 15.85 19.21 -17.62
CA ASP A 219 16.06 20.60 -18.11
C ASP A 219 16.68 21.39 -16.97
N TRP A 220 17.52 22.37 -17.26
CA TRP A 220 18.08 23.26 -16.22
C TRP A 220 18.41 24.62 -16.83
N LEU A 221 18.66 25.62 -15.98
CA LEU A 221 18.97 27.00 -16.46
C LEU A 221 20.46 27.26 -16.21
N GLU A 222 21.14 27.74 -17.24
CA GLU A 222 22.60 28.00 -17.21
C GLU A 222 22.91 29.10 -18.21
N ASN A 223 23.64 30.14 -17.76
CA ASN A 223 23.97 31.35 -18.57
C ASN A 223 22.69 31.93 -19.18
N GLY A 224 21.62 32.05 -18.37
CA GLY A 224 20.29 32.55 -18.79
C GLY A 224 19.74 31.80 -20.00
N GLY A 225 20.01 30.51 -20.11
CA GLY A 225 19.53 29.65 -21.22
C GLY A 225 18.99 28.34 -20.70
N ARG A 226 18.07 27.73 -21.44
CA ARG A 226 17.38 26.48 -21.06
C ARG A 226 18.24 25.33 -21.60
N GLN A 227 18.89 24.55 -20.73
CA GLN A 227 19.70 23.38 -21.11
C GLN A 227 18.84 22.11 -21.01
N HIS A 228 19.25 21.02 -21.64
CA HIS A 228 18.45 19.77 -21.73
C HIS A 228 19.36 18.57 -21.85
N GLN A 229 18.99 17.49 -21.16
CA GLN A 229 19.65 16.17 -21.24
C GLN A 229 18.56 15.16 -21.49
N PRO A 230 18.50 14.51 -22.67
CA PRO A 230 17.50 13.46 -22.89
C PRO A 230 17.72 12.32 -21.88
N ALA A 231 16.65 11.61 -21.56
CA ALA A 231 16.73 10.30 -20.89
C ALA A 231 17.40 9.31 -21.86
N PHE A 232 18.05 8.27 -21.33
CA PHE A 232 18.56 7.10 -22.10
C PHE A 232 17.47 6.02 -22.13
N LYS A 233 17.09 5.53 -23.31
CA LYS A 233 16.05 4.48 -23.48
C LYS A 233 16.63 3.15 -22.98
N VAL A 234 15.90 2.45 -22.12
CA VAL A 234 16.22 1.09 -21.58
C VAL A 234 14.92 0.30 -21.51
N ASP A 235 14.98 -1.02 -21.27
CA ASP A 235 13.77 -1.82 -20.93
C ASP A 235 13.43 -1.52 -19.47
N VAL A 236 12.43 -0.66 -19.28
CA VAL A 236 11.92 -0.19 -17.97
C VAL A 236 11.05 -1.29 -17.32
N VAL A 237 11.43 -1.71 -16.11
CA VAL A 237 10.62 -2.56 -15.19
C VAL A 237 10.01 -1.67 -14.10
N ASP A 238 10.78 -0.75 -13.52
CA ASP A 238 10.36 0.01 -12.32
C ASP A 238 11.08 1.36 -12.26
N THR A 239 10.33 2.47 -12.38
CA THR A 239 10.88 3.85 -12.27
C THR A 239 10.88 4.31 -10.80
N THR A 240 10.51 3.46 -9.84
CA THR A 240 10.55 3.80 -8.40
C THR A 240 12.00 4.13 -8.01
N GLY A 241 12.23 5.33 -7.47
CA GLY A 241 13.57 5.78 -7.03
C GLY A 241 14.45 6.29 -8.17
N ALA A 242 13.97 6.39 -9.41
CA ALA A 242 14.77 6.96 -10.54
C ALA A 242 15.32 8.32 -10.08
N GLY A 243 14.45 9.18 -9.59
CA GLY A 243 14.79 10.52 -9.06
C GLY A 243 15.83 10.42 -7.96
N ASP A 244 15.65 9.50 -7.02
CA ASP A 244 16.53 9.35 -5.84
C ASP A 244 17.94 9.03 -6.34
N VAL A 245 18.04 8.06 -7.27
CA VAL A 245 19.33 7.59 -7.83
C VAL A 245 19.94 8.72 -8.67
N PHE A 246 19.14 9.39 -9.50
CA PHE A 246 19.59 10.57 -10.26
C PHE A 246 20.23 11.59 -9.30
N HIS A 247 19.63 11.88 -8.16
CA HIS A 247 20.13 12.94 -7.24
C HIS A 247 21.44 12.48 -6.61
N GLY A 248 21.54 11.21 -6.24
CA GLY A 248 22.78 10.66 -5.65
C GLY A 248 23.93 10.76 -6.62
N ALA A 249 23.69 10.38 -7.87
CA ALA A 249 24.69 10.37 -8.95
C ALA A 249 25.07 11.81 -9.28
N LEU A 250 24.09 12.71 -9.36
CA LEU A 250 24.31 14.15 -9.67
C LEU A 250 25.22 14.77 -8.62
N ALA A 251 25.00 14.50 -7.34
CA ALA A 251 25.80 15.05 -6.21
C ALA A 251 27.24 14.58 -6.33
N VAL A 252 27.46 13.30 -6.64
CA VAL A 252 28.81 12.71 -6.80
C VAL A 252 29.45 13.39 -8.00
N ALA A 253 28.75 13.46 -9.14
CA ALA A 253 29.34 14.00 -10.39
C ALA A 253 29.65 15.48 -10.20
N LEU A 254 28.75 16.27 -9.64
CA LEU A 254 28.99 17.72 -9.39
C LEU A 254 30.20 17.92 -8.47
N ALA A 255 30.35 17.08 -7.46
CA ALA A 255 31.47 17.22 -6.49
C ALA A 255 32.78 16.83 -7.17
N THR A 256 32.72 15.92 -8.14
CA THR A 256 33.89 15.38 -8.88
C THR A 256 34.36 16.34 -9.98
N SER A 257 33.45 16.83 -10.83
CA SER A 257 33.79 17.59 -12.06
C SER A 257 33.37 19.08 -11.99
N GLY A 258 32.36 19.47 -11.23
CA GLY A 258 31.76 20.83 -11.28
C GLY A 258 31.03 21.13 -12.58
N ASP A 259 30.94 20.19 -13.52
CA ASP A 259 30.47 20.38 -14.92
C ASP A 259 29.00 19.97 -15.00
N LEU A 260 28.10 20.92 -15.21
CA LEU A 260 26.62 20.67 -15.17
C LEU A 260 26.24 19.70 -16.29
N ALA A 261 26.63 19.95 -17.53
CA ALA A 261 26.18 19.10 -18.68
C ALA A 261 26.66 17.66 -18.44
N GLU A 262 27.94 17.48 -18.11
CA GLU A 262 28.52 16.11 -17.95
C GLU A 262 27.92 15.43 -16.72
N SER A 263 27.61 16.19 -15.66
CA SER A 263 27.04 15.65 -14.39
C SER A 263 25.60 15.20 -14.60
N VAL A 264 24.78 16.03 -15.26
CA VAL A 264 23.37 15.67 -15.54
C VAL A 264 23.35 14.44 -16.48
N ARG A 265 24.26 14.39 -17.44
CA ARG A 265 24.35 13.25 -18.39
C ARG A 265 24.67 11.98 -17.60
N PHE A 266 25.67 12.08 -16.72
CA PHE A 266 26.14 10.93 -15.90
C PHE A 266 24.97 10.43 -15.05
N ALA A 267 24.31 11.33 -14.33
CA ALA A 267 23.18 11.02 -13.43
C ALA A 267 22.04 10.39 -14.24
N SER A 268 21.76 10.89 -15.44
CA SER A 268 20.69 10.33 -16.31
C SER A 268 21.04 8.88 -16.66
N GLY A 269 22.31 8.58 -16.91
CA GLY A 269 22.78 7.21 -17.19
C GLY A 269 22.54 6.29 -15.99
N VAL A 270 22.94 6.74 -14.80
CA VAL A 270 22.83 5.92 -13.57
C VAL A 270 21.34 5.63 -13.32
N ALA A 271 20.48 6.64 -13.47
CA ALA A 271 19.03 6.54 -13.19
C ALA A 271 18.38 5.60 -14.21
N ALA A 272 18.78 5.71 -15.47
CA ALA A 272 18.25 4.87 -16.58
C ALA A 272 18.49 3.40 -16.20
N LEU A 273 19.71 3.07 -15.78
CA LEU A 273 20.08 1.65 -15.50
C LEU A 273 19.26 1.16 -14.30
N LYS A 274 19.05 2.01 -13.28
CA LYS A 274 18.20 1.67 -12.11
C LYS A 274 16.81 1.24 -12.58
N CYS A 275 16.25 1.88 -13.61
CA CYS A 275 14.87 1.61 -14.10
C CYS A 275 14.74 0.18 -14.64
N THR A 276 15.85 -0.52 -14.91
CA THR A 276 15.81 -1.85 -15.57
C THR A 276 15.54 -2.96 -14.56
N ARG A 277 15.52 -2.69 -13.25
CA ARG A 277 15.33 -3.74 -12.21
C ARG A 277 14.32 -3.27 -11.19
N PRO A 278 13.61 -4.18 -10.52
CA PRO A 278 12.54 -3.80 -9.56
C PRO A 278 13.12 -3.05 -8.34
N GLY A 279 12.37 -2.08 -7.82
CA GLY A 279 12.70 -1.31 -6.59
C GLY A 279 13.71 -0.20 -6.83
N GLY A 280 14.05 0.56 -5.79
CA GLY A 280 14.91 1.75 -5.91
C GLY A 280 16.40 1.42 -6.06
N ARG A 281 16.83 0.16 -5.86
CA ARG A 281 18.27 -0.13 -5.57
C ARG A 281 18.90 -1.25 -6.41
N ALA A 282 18.19 -2.34 -6.68
CA ALA A 282 18.75 -3.54 -7.38
C ALA A 282 19.42 -3.12 -8.70
N GLY A 283 18.88 -2.15 -9.44
CA GLY A 283 19.39 -1.79 -10.78
C GLY A 283 20.52 -0.77 -10.73
N ILE A 284 20.91 -0.29 -9.54
CA ILE A 284 21.89 0.82 -9.43
C ILE A 284 23.24 0.30 -9.91
N PRO A 285 23.85 0.91 -10.95
CA PRO A 285 25.15 0.47 -11.43
C PRO A 285 26.30 1.05 -10.59
N ASP A 286 27.49 0.45 -10.65
CA ASP A 286 28.74 1.08 -10.12
C ASP A 286 29.28 2.03 -11.20
N CYS A 287 30.41 2.68 -10.94
CA CYS A 287 31.02 3.72 -11.79
C CYS A 287 31.39 3.06 -13.14
N ASP A 288 31.99 1.87 -13.11
CA ASP A 288 32.48 1.16 -14.32
C ASP A 288 31.30 0.76 -15.20
N GLN A 289 30.26 0.14 -14.66
CA GLN A 289 29.05 -0.20 -15.45
C GLN A 289 28.41 1.07 -16.03
N THR A 290 28.50 2.20 -15.33
CA THR A 290 27.93 3.47 -15.82
C THR A 290 28.77 3.96 -17.02
N ARG A 291 30.09 4.00 -16.87
CA ARG A 291 30.98 4.52 -17.94
C ARG A 291 30.88 3.61 -19.18
N SER A 292 30.75 2.28 -19.04
CA SER A 292 30.50 1.36 -20.18
C SER A 292 29.21 1.71 -20.89
N PHE A 293 28.11 1.85 -20.16
CA PHE A 293 26.77 2.24 -20.69
C PHE A 293 26.87 3.57 -21.43
N LEU A 294 27.53 4.58 -20.86
CA LEU A 294 27.58 5.94 -21.44
C LEU A 294 28.51 5.99 -22.66
N SER A 295 29.65 5.29 -22.64
CA SER A 295 30.73 5.45 -23.67
C SER A 295 30.41 4.58 -24.89
N LEU A 296 29.69 3.45 -24.72
CA LEU A 296 29.28 2.53 -25.82
C LEU A 296 27.92 2.96 -26.37
N PHE A 297 27.32 4.02 -25.83
CA PHE A 297 25.95 4.44 -26.23
C PHE A 297 26.00 4.84 -27.70
N VAL A 298 27.07 5.55 -28.10
CA VAL A 298 27.24 6.16 -29.45
C VAL A 298 27.71 5.13 -30.48
N LEU A 299 28.19 3.95 -30.06
CA LEU A 299 28.77 2.88 -30.94
C LEU A 299 27.68 1.95 -31.46
N GLU A 300 26.43 2.15 -31.03
CA GLU A 300 25.24 1.33 -31.41
C GLU A 300 24.02 2.26 -31.52
N HIS A 301 23.01 1.89 -32.32
CA HIS A 301 21.65 2.48 -32.29
C HIS A 301 20.92 1.97 -31.02
N HIS A 302 20.24 2.85 -30.27
CA HIS A 302 19.51 2.50 -29.02
C HIS A 302 18.11 3.16 -29.02
N MET B 1 -27.21 -20.61 21.56
CA MET B 1 -25.77 -20.54 21.21
C MET B 1 -25.59 -20.96 19.75
N ILE B 2 -25.34 -19.97 18.89
CA ILE B 2 -25.02 -20.19 17.46
C ILE B 2 -23.56 -20.62 17.34
N ARG B 3 -23.31 -21.75 16.68
CA ARG B 3 -21.94 -22.24 16.39
C ARG B 3 -21.65 -22.02 14.89
N VAL B 4 -20.62 -21.21 14.60
CA VAL B 4 -20.24 -20.72 13.25
C VAL B 4 -18.83 -21.20 12.91
N ALA B 5 -18.66 -21.73 11.69
CA ALA B 5 -17.33 -21.90 11.05
C ALA B 5 -17.20 -20.85 9.94
N CYS B 6 -16.09 -20.12 9.92
CA CYS B 6 -15.74 -19.19 8.83
C CYS B 6 -14.48 -19.71 8.15
N VAL B 7 -14.62 -20.06 6.87
CA VAL B 7 -13.55 -20.66 6.02
C VAL B 7 -13.11 -19.63 4.99
N GLY B 8 -11.82 -19.41 4.86
CA GLY B 8 -11.30 -18.41 3.92
C GLY B 8 -9.95 -17.88 4.32
N ILE B 9 -9.72 -16.61 4.02
CA ILE B 9 -8.39 -15.98 4.14
C ILE B 9 -8.39 -15.05 5.36
N THR B 10 -7.24 -15.00 6.02
CA THR B 10 -6.83 -13.98 7.00
C THR B 10 -5.61 -13.29 6.38
N VAL B 11 -5.62 -11.98 6.29
CA VAL B 11 -4.52 -11.16 5.68
C VAL B 11 -4.31 -9.94 6.59
N MET B 12 -3.11 -9.38 6.63
CA MET B 12 -2.83 -8.15 7.41
C MET B 12 -3.20 -6.96 6.54
N ASP B 13 -4.12 -6.11 7.01
CA ASP B 13 -4.54 -4.86 6.33
C ASP B 13 -3.60 -3.71 6.71
N ARG B 14 -2.95 -3.15 5.72
CA ARG B 14 -2.13 -1.92 5.86
C ARG B 14 -2.96 -0.79 5.26
N ILE B 15 -3.62 -0.01 6.10
CA ILE B 15 -4.64 0.97 5.66
C ILE B 15 -4.09 2.40 5.77
N TYR B 16 -4.08 3.07 4.62
CA TYR B 16 -3.59 4.45 4.42
C TYR B 16 -4.81 5.35 4.24
N TYR B 17 -4.96 6.33 5.12
CA TYR B 17 -6.05 7.36 5.04
C TYR B 17 -5.50 8.55 4.27
N VAL B 18 -6.05 8.78 3.09
CA VAL B 18 -5.56 9.81 2.12
C VAL B 18 -6.62 10.90 1.96
N GLU B 19 -6.22 12.04 1.41
CA GLU B 19 -7.08 13.21 1.07
C GLU B 19 -8.09 12.78 0.02
N GLY B 20 -7.63 12.00 -0.97
CA GLY B 20 -8.45 11.48 -2.08
C GLY B 20 -7.85 10.21 -2.66
N LEU B 21 -8.66 9.38 -3.30
CA LEU B 21 -8.17 8.14 -3.93
C LEU B 21 -7.26 8.58 -5.08
N PRO B 22 -6.01 8.08 -5.14
CA PRO B 22 -5.15 8.38 -6.27
C PRO B 22 -5.81 7.97 -7.60
N THR B 23 -6.07 8.96 -8.46
CA THR B 23 -6.60 8.80 -9.84
C THR B 23 -5.46 8.85 -10.88
N GLU B 24 -4.20 8.94 -10.50
CA GLU B 24 -3.07 8.92 -11.47
C GLU B 24 -1.74 8.66 -10.76
N SER B 25 -0.73 8.38 -11.55
CA SER B 25 0.64 8.13 -11.06
C SER B 25 1.12 9.36 -10.29
N GLY B 26 1.94 9.15 -9.26
CA GLY B 26 2.54 10.25 -8.49
C GLY B 26 2.82 9.88 -7.05
N LYS B 27 3.17 10.89 -6.26
CA LYS B 27 3.51 10.76 -4.83
C LYS B 27 2.40 11.41 -4.03
N TYR B 28 1.87 10.68 -3.06
CA TYR B 28 0.81 11.12 -2.13
C TYR B 28 1.28 10.85 -0.70
N VAL B 29 0.72 11.61 0.24
CA VAL B 29 0.99 11.45 1.68
C VAL B 29 -0.31 11.06 2.37
N ALA B 30 -0.28 9.94 3.10
CA ALA B 30 -1.36 9.51 4.00
C ALA B 30 -1.35 10.40 5.25
N ARG B 31 -2.53 10.89 5.64
CA ARG B 31 -2.80 11.69 6.87
C ARG B 31 -2.74 10.76 8.07
N ASN B 32 -2.97 9.47 7.87
CA ASN B 32 -3.00 8.50 8.97
C ASN B 32 -2.87 7.08 8.43
N TYR B 33 -2.57 6.15 9.31
CA TYR B 33 -2.28 4.75 8.94
C TYR B 33 -2.71 3.86 10.11
N THR B 34 -3.34 2.73 9.79
CA THR B 34 -3.59 1.69 10.80
C THR B 34 -3.30 0.33 10.17
N GLU B 35 -2.68 -0.55 10.96
CA GLU B 35 -2.36 -1.94 10.58
C GLU B 35 -3.29 -2.85 11.39
N VAL B 36 -4.19 -3.57 10.74
CA VAL B 36 -5.24 -4.38 11.42
C VAL B 36 -5.50 -5.65 10.63
N GLY B 37 -5.85 -6.74 11.31
CA GLY B 37 -6.27 -8.00 10.66
C GLY B 37 -7.47 -7.79 9.76
N GLY B 38 -7.51 -8.52 8.67
CA GLY B 38 -8.62 -8.50 7.70
C GLY B 38 -8.74 -9.80 6.95
N GLY B 39 -9.38 -9.77 5.80
CA GLY B 39 -9.74 -10.99 5.03
C GLY B 39 -11.21 -11.32 5.27
N PRO B 40 -12.00 -11.58 4.21
CA PRO B 40 -13.45 -11.62 4.36
C PRO B 40 -13.91 -12.61 5.43
N ALA B 41 -13.49 -13.88 5.38
CA ALA B 41 -13.91 -14.91 6.34
C ALA B 41 -13.43 -14.53 7.74
N ALA B 42 -12.20 -14.02 7.88
CA ALA B 42 -11.63 -13.75 9.22
C ALA B 42 -12.39 -12.58 9.88
N THR B 43 -12.69 -11.52 9.15
CA THR B 43 -13.42 -10.35 9.70
C THR B 43 -14.87 -10.78 9.95
N ALA B 44 -15.43 -11.63 9.10
CA ALA B 44 -16.80 -12.17 9.28
C ALA B 44 -16.84 -12.95 10.61
N ALA B 45 -15.83 -13.75 10.90
CA ALA B 45 -15.68 -14.51 12.16
C ALA B 45 -15.70 -13.53 13.36
N VAL B 46 -15.02 -12.41 13.25
CA VAL B 46 -14.92 -11.41 14.34
C VAL B 46 -16.32 -10.82 14.56
N ALA B 47 -17.03 -10.51 13.49
CA ALA B 47 -18.43 -10.01 13.54
C ALA B 47 -19.32 -11.04 14.25
N ALA B 48 -19.22 -12.32 13.87
CA ALA B 48 -20.01 -13.41 14.47
C ALA B 48 -19.71 -13.49 15.97
N ALA B 49 -18.43 -13.44 16.38
CA ALA B 49 -17.99 -13.50 17.81
C ALA B 49 -18.54 -12.28 18.56
N ARG B 50 -18.48 -11.09 17.98
CA ARG B 50 -19.00 -9.86 18.63
C ARG B 50 -20.51 -10.01 18.84
N LEU B 51 -21.19 -10.79 18.01
CA LEU B 51 -22.66 -10.88 18.02
C LEU B 51 -23.07 -12.10 18.86
N GLY B 52 -22.16 -12.68 19.64
CA GLY B 52 -22.50 -13.71 20.65
C GLY B 52 -22.18 -15.13 20.23
N ALA B 53 -21.83 -15.38 18.96
CA ALA B 53 -21.67 -16.77 18.46
C ALA B 53 -20.37 -17.40 18.98
N GLN B 54 -20.31 -18.73 19.07
CA GLN B 54 -19.07 -19.55 19.19
C GLN B 54 -18.52 -19.74 17.78
N VAL B 55 -17.33 -19.22 17.52
CA VAL B 55 -16.80 -19.04 16.14
C VAL B 55 -15.47 -19.77 16.03
N ASP B 56 -15.36 -20.60 14.98
CA ASP B 56 -14.08 -21.12 14.45
C ASP B 56 -13.73 -20.37 13.16
N PHE B 57 -12.49 -19.92 13.07
CA PHE B 57 -11.90 -19.46 11.80
C PHE B 57 -11.03 -20.59 11.26
N ILE B 58 -11.23 -20.94 10.00
CA ILE B 58 -10.50 -22.02 9.30
C ILE B 58 -9.86 -21.43 8.04
N GLY B 59 -8.54 -21.23 8.08
CA GLY B 59 -7.79 -20.68 6.95
C GLY B 59 -6.37 -21.14 7.01
N ARG B 60 -5.50 -20.37 6.38
CA ARG B 60 -4.07 -20.73 6.27
C ARG B 60 -3.26 -19.47 6.57
N VAL B 61 -2.23 -19.66 7.39
CA VAL B 61 -1.19 -18.63 7.59
C VAL B 61 0.18 -19.28 7.40
N GLY B 62 1.19 -18.45 7.23
CA GLY B 62 2.59 -18.84 7.41
C GLY B 62 2.96 -18.85 8.89
N ASP B 63 4.24 -19.08 9.17
CA ASP B 63 4.86 -19.06 10.51
C ASP B 63 5.65 -17.75 10.71
N ASP B 64 5.46 -16.74 9.87
CA ASP B 64 6.08 -15.41 10.01
C ASP B 64 5.39 -14.66 11.16
N ASP B 65 5.92 -13.51 11.56
CA ASP B 65 5.31 -12.61 12.58
C ASP B 65 3.87 -12.30 12.18
N THR B 66 3.64 -11.89 10.92
CA THR B 66 2.30 -11.58 10.35
C THR B 66 1.32 -12.72 10.70
N GLY B 67 1.66 -13.97 10.37
CA GLY B 67 0.77 -15.12 10.61
C GLY B 67 0.40 -15.20 12.07
N ASN B 68 1.40 -15.10 12.94
CA ASN B 68 1.21 -15.27 14.40
C ASN B 68 0.38 -14.11 14.92
N SER B 69 0.59 -12.90 14.38
CA SER B 69 -0.20 -11.70 14.75
C SER B 69 -1.65 -11.87 14.30
N LEU B 70 -1.90 -12.37 13.09
CA LEU B 70 -3.27 -12.53 12.55
C LEU B 70 -4.08 -13.43 13.46
N LEU B 71 -3.51 -14.57 13.85
CA LEU B 71 -4.15 -15.58 14.74
C LEU B 71 -4.30 -15.05 16.17
N ALA B 72 -3.28 -14.41 16.73
CA ALA B 72 -3.33 -13.82 18.09
C ALA B 72 -4.44 -12.77 18.13
N GLU B 73 -4.57 -11.96 17.08
CA GLU B 73 -5.63 -10.92 17.04
C GLU B 73 -7.02 -11.61 17.02
N LEU B 74 -7.20 -12.65 16.20
CA LEU B 74 -8.50 -13.40 16.13
C LEU B 74 -8.81 -13.98 17.51
N GLU B 75 -7.83 -14.57 18.20
CA GLU B 75 -8.04 -15.15 19.56
C GLU B 75 -8.50 -14.01 20.49
N SER B 76 -7.90 -12.83 20.41
CA SER B 76 -8.28 -11.67 21.27
C SER B 76 -9.72 -11.21 20.98
N TRP B 77 -10.27 -11.48 19.80
CA TRP B 77 -11.68 -11.13 19.46
C TRP B 77 -12.63 -12.25 19.90
N GLY B 78 -12.11 -13.36 20.42
CA GLY B 78 -12.95 -14.51 20.82
C GLY B 78 -13.19 -15.45 19.67
N VAL B 79 -12.35 -15.41 18.64
CA VAL B 79 -12.43 -16.35 17.49
C VAL B 79 -11.43 -17.47 17.74
N ASN B 80 -11.90 -18.70 17.64
CA ASN B 80 -11.04 -19.89 17.81
C ASN B 80 -10.32 -20.19 16.49
N THR B 81 -9.00 -20.36 16.54
CA THR B 81 -8.11 -20.61 15.37
C THR B 81 -7.54 -22.02 15.41
N ARG B 82 -8.08 -22.90 16.27
CA ARG B 82 -7.57 -24.28 16.44
C ARG B 82 -7.52 -25.01 15.09
N TYR B 83 -8.41 -24.75 14.13
CA TYR B 83 -8.45 -25.52 12.85
C TYR B 83 -7.61 -24.84 11.76
N THR B 84 -7.04 -23.66 12.00
CA THR B 84 -6.26 -22.92 10.98
C THR B 84 -4.93 -23.65 10.77
N LYS B 85 -4.51 -23.79 9.52
CA LYS B 85 -3.22 -24.41 9.16
C LYS B 85 -2.11 -23.36 9.19
N ARG B 86 -1.03 -23.64 9.93
CA ARG B 86 0.22 -22.84 10.03
C ARG B 86 1.24 -23.55 9.16
N TYR B 87 1.63 -22.97 8.02
CA TYR B 87 2.64 -23.58 7.12
C TYR B 87 4.02 -23.10 7.55
N ASN B 88 4.96 -24.04 7.52
CA ASN B 88 6.37 -23.92 7.95
C ASN B 88 7.15 -23.13 6.89
N GLN B 89 7.98 -22.18 7.31
CA GLN B 89 8.87 -21.40 6.41
C GLN B 89 8.02 -20.78 5.31
N ALA B 90 6.95 -20.09 5.70
CA ALA B 90 5.95 -19.55 4.76
C ALA B 90 5.54 -18.16 5.23
N LYS B 91 5.43 -17.24 4.28
CA LYS B 91 4.96 -15.85 4.51
C LYS B 91 3.44 -15.82 4.42
N SER B 92 2.80 -14.98 5.22
CA SER B 92 1.33 -14.81 5.26
C SER B 92 0.91 -13.74 4.23
N SER B 93 -0.38 -13.65 3.92
CA SER B 93 -0.93 -12.71 2.92
C SER B 93 -1.14 -11.35 3.58
N GLN B 94 -1.16 -10.29 2.78
CA GLN B 94 -1.42 -8.92 3.28
C GLN B 94 -2.00 -8.08 2.15
N SER B 95 -2.60 -6.95 2.50
CA SER B 95 -3.21 -5.97 1.57
C SER B 95 -2.71 -4.57 1.92
N ALA B 96 -2.57 -3.74 0.90
CA ALA B 96 -2.42 -2.28 1.09
C ALA B 96 -3.78 -1.70 0.74
N ILE B 97 -4.26 -0.81 1.57
CA ILE B 97 -5.63 -0.24 1.39
C ILE B 97 -5.53 1.29 1.48
N MET B 98 -6.19 1.98 0.59
CA MET B 98 -6.29 3.46 0.61
C MET B 98 -7.74 3.81 0.83
N VAL B 99 -7.99 4.60 1.88
CA VAL B 99 -9.34 5.07 2.30
C VAL B 99 -9.34 6.59 2.19
N ASP B 100 -10.30 7.17 1.46
CA ASP B 100 -10.41 8.64 1.28
C ASP B 100 -11.21 9.19 2.46
N THR B 101 -11.48 10.49 2.51
CA THR B 101 -12.18 11.14 3.66
C THR B 101 -13.69 10.77 3.65
N LYS B 102 -14.22 10.29 2.52
CA LYS B 102 -15.64 9.79 2.45
C LYS B 102 -15.72 8.31 2.86
N GLY B 103 -14.59 7.63 3.08
CA GLY B 103 -14.56 6.21 3.53
C GLY B 103 -14.58 5.21 2.37
N GLU B 104 -14.50 5.67 1.11
CA GLU B 104 -14.32 4.82 -0.09
C GLU B 104 -12.88 4.28 -0.11
N ARG B 105 -12.67 3.08 -0.64
CA ARG B 105 -11.37 2.38 -0.49
C ARG B 105 -10.95 1.67 -1.80
N ILE B 106 -9.64 1.68 -2.02
CA ILE B 106 -8.93 0.83 -3.01
C ILE B 106 -8.14 -0.18 -2.18
N ILE B 107 -8.32 -1.46 -2.50
CA ILE B 107 -7.64 -2.60 -1.83
C ILE B 107 -6.75 -3.28 -2.85
N ILE B 108 -5.47 -3.39 -2.55
CA ILE B 108 -4.50 -4.19 -3.35
C ILE B 108 -4.13 -5.38 -2.48
N ASN B 109 -4.60 -6.57 -2.83
CA ASN B 109 -4.26 -7.80 -2.07
C ASN B 109 -3.08 -8.49 -2.72
N TYR B 110 -2.14 -8.98 -1.90
CA TYR B 110 -1.02 -9.85 -2.33
C TYR B 110 -1.19 -11.21 -1.64
N PRO B 111 -1.72 -12.20 -2.38
CA PRO B 111 -1.86 -13.56 -1.85
C PRO B 111 -0.48 -14.21 -1.82
N SER B 112 -0.03 -14.63 -0.63
CA SER B 112 1.28 -15.28 -0.43
C SER B 112 1.35 -16.51 -1.34
N PRO B 113 2.43 -16.66 -2.14
CA PRO B 113 2.65 -17.91 -2.88
C PRO B 113 3.07 -19.11 -2.02
N ASP B 114 3.28 -18.91 -0.71
CA ASP B 114 3.71 -19.99 0.23
C ASP B 114 2.51 -20.77 0.80
N LEU B 115 1.30 -20.26 0.65
CA LEU B 115 0.10 -20.94 1.23
C LEU B 115 -0.46 -21.90 0.20
N LEU B 116 -0.38 -23.20 0.46
CA LEU B 116 -0.93 -24.25 -0.44
C LEU B 116 -2.44 -24.10 -0.49
N PRO B 117 -3.06 -24.30 -1.67
CA PRO B 117 -4.51 -24.35 -1.76
C PRO B 117 -5.13 -25.64 -1.19
N ASP B 118 -4.32 -26.70 -1.01
CA ASP B 118 -4.81 -28.04 -0.58
C ASP B 118 -5.81 -27.89 0.58
N ALA B 119 -7.00 -28.45 0.42
CA ALA B 119 -8.10 -28.43 1.39
C ALA B 119 -8.41 -29.84 1.92
N GLU B 120 -7.59 -30.86 1.63
CA GLU B 120 -7.94 -32.27 1.97
C GLU B 120 -7.95 -32.43 3.49
N TRP B 121 -7.09 -31.71 4.19
CA TRP B 121 -7.01 -31.76 5.67
C TRP B 121 -8.34 -31.38 6.33
N LEU B 122 -9.27 -30.66 5.65
CA LEU B 122 -10.61 -30.34 6.19
C LEU B 122 -11.41 -31.62 6.42
N GLU B 123 -11.09 -32.73 5.73
CA GLU B 123 -11.78 -34.03 5.88
C GLU B 123 -11.59 -34.59 7.30
N GLU B 124 -10.55 -34.16 8.03
CA GLU B 124 -10.32 -34.61 9.42
C GLU B 124 -11.20 -33.81 10.39
N ILE B 125 -12.04 -32.89 9.91
CA ILE B 125 -12.88 -32.02 10.78
C ILE B 125 -14.33 -32.49 10.67
N ASP B 126 -15.05 -32.56 11.80
CA ASP B 126 -16.48 -32.93 11.83
C ASP B 126 -17.29 -31.64 11.62
N PHE B 127 -17.90 -31.47 10.45
CA PHE B 127 -18.62 -30.24 10.08
C PHE B 127 -20.00 -30.18 10.75
N SER B 128 -20.47 -31.30 11.30
CA SER B 128 -21.78 -31.37 11.99
C SER B 128 -21.73 -30.59 13.32
N GLN B 129 -20.56 -30.16 13.79
CA GLN B 129 -20.45 -29.40 15.06
C GLN B 129 -20.89 -27.93 14.88
N TRP B 130 -21.27 -27.48 13.67
CA TRP B 130 -21.64 -26.06 13.45
C TRP B 130 -23.08 -25.98 12.94
N ASP B 131 -23.76 -24.88 13.25
CA ASP B 131 -25.11 -24.53 12.73
C ASP B 131 -25.01 -23.89 11.34
N VAL B 132 -23.88 -23.27 11.01
CA VAL B 132 -23.72 -22.52 9.73
C VAL B 132 -22.22 -22.51 9.38
N VAL B 133 -21.93 -22.69 8.10
CA VAL B 133 -20.54 -22.56 7.56
C VAL B 133 -20.53 -21.40 6.56
N LEU B 134 -19.76 -20.37 6.87
CA LEU B 134 -19.50 -19.22 5.97
C LEU B 134 -18.15 -19.47 5.30
N ALA B 135 -18.04 -19.18 4.01
CA ALA B 135 -16.76 -19.25 3.28
C ALA B 135 -16.66 -18.02 2.39
N ASP B 136 -15.45 -17.50 2.21
CA ASP B 136 -15.13 -16.47 1.20
C ASP B 136 -14.54 -17.19 -0.02
N VAL B 137 -14.49 -16.47 -1.15
CA VAL B 137 -14.08 -17.03 -2.46
C VAL B 137 -12.58 -16.84 -2.67
N ARG B 138 -11.87 -16.25 -1.73
CA ARG B 138 -10.41 -16.02 -1.92
C ARG B 138 -9.60 -17.28 -1.55
N TRP B 139 -10.18 -18.28 -0.86
CA TRP B 139 -9.61 -19.67 -0.73
C TRP B 139 -10.58 -20.68 -1.39
N HIS B 140 -10.51 -20.78 -2.71
CA HIS B 140 -11.50 -21.48 -3.54
C HIS B 140 -11.59 -22.95 -3.10
N ASP B 141 -10.45 -23.66 -2.99
CA ASP B 141 -10.48 -25.12 -2.68
C ASP B 141 -11.00 -25.33 -1.24
N GLY B 142 -10.72 -24.41 -0.33
CA GLY B 142 -11.20 -24.55 1.05
C GLY B 142 -12.71 -24.36 1.08
N ALA B 143 -13.22 -23.40 0.31
CA ALA B 143 -14.67 -23.09 0.24
C ALA B 143 -15.36 -24.32 -0.36
N LYS B 144 -14.84 -24.84 -1.47
CA LYS B 144 -15.48 -25.98 -2.17
C LYS B 144 -15.58 -27.18 -1.21
N LYS B 145 -14.48 -27.52 -0.55
CA LYS B 145 -14.39 -28.69 0.32
C LYS B 145 -15.29 -28.47 1.56
N ALA B 146 -15.18 -27.31 2.20
CA ALA B 146 -15.95 -26.99 3.41
C ALA B 146 -17.45 -27.03 3.07
N PHE B 147 -17.89 -26.44 1.96
CA PHE B 147 -19.33 -26.44 1.59
C PHE B 147 -19.77 -27.88 1.29
N THR B 148 -18.95 -28.67 0.60
CA THR B 148 -19.28 -30.09 0.29
C THR B 148 -19.51 -30.82 1.61
N LEU B 149 -18.56 -30.72 2.55
CA LEU B 149 -18.66 -31.43 3.85
C LEU B 149 -19.87 -30.91 4.63
N ALA B 150 -20.14 -29.61 4.58
CA ALA B 150 -21.24 -28.98 5.34
C ALA B 150 -22.57 -29.52 4.78
N ARG B 151 -22.75 -29.47 3.46
CA ARG B 151 -23.97 -30.02 2.80
C ARG B 151 -24.13 -31.49 3.19
N GLN B 152 -23.05 -32.28 3.23
CA GLN B 152 -23.14 -33.73 3.57
C GLN B 152 -23.66 -33.87 5.00
N ALA B 153 -23.34 -32.95 5.91
CA ALA B 153 -23.76 -33.00 7.33
C ALA B 153 -25.10 -32.27 7.52
N GLY B 154 -25.73 -31.77 6.45
CA GLY B 154 -26.95 -30.95 6.50
C GLY B 154 -26.73 -29.55 7.10
N VAL B 155 -25.51 -29.02 7.14
CA VAL B 155 -25.27 -27.67 7.74
C VAL B 155 -25.40 -26.58 6.66
N MET B 156 -26.13 -25.52 6.99
CA MET B 156 -26.36 -24.33 6.13
C MET B 156 -25.01 -23.70 5.67
N THR B 157 -24.89 -23.39 4.38
CA THR B 157 -23.68 -22.74 3.76
C THR B 157 -24.00 -21.31 3.33
N VAL B 158 -23.15 -20.36 3.74
CA VAL B 158 -23.27 -18.92 3.35
C VAL B 158 -21.97 -18.51 2.64
N LEU B 159 -22.07 -17.97 1.42
CA LEU B 159 -20.90 -17.60 0.60
C LEU B 159 -20.73 -16.09 0.61
N ASP B 160 -19.49 -15.63 0.85
CA ASP B 160 -19.09 -14.22 0.55
C ASP B 160 -18.57 -14.15 -0.88
N GLY B 161 -19.46 -13.77 -1.80
CA GLY B 161 -19.21 -13.81 -3.25
C GLY B 161 -18.58 -12.52 -3.69
N ASP B 162 -17.34 -12.28 -3.27
CA ASP B 162 -16.60 -11.04 -3.64
C ASP B 162 -15.92 -11.24 -5.00
N ILE B 163 -15.33 -10.17 -5.51
CA ILE B 163 -14.49 -10.22 -6.74
C ILE B 163 -13.22 -11.00 -6.40
N THR B 164 -12.79 -11.82 -7.34
CA THR B 164 -11.67 -12.75 -7.24
C THR B 164 -11.38 -13.17 -8.69
N PRO B 165 -10.16 -13.57 -9.04
CA PRO B 165 -9.85 -13.89 -10.43
C PRO B 165 -10.61 -15.12 -10.95
N GLN B 166 -10.79 -16.16 -10.14
CA GLN B 166 -11.30 -17.47 -10.64
C GLN B 166 -12.84 -17.45 -10.72
N ASP B 167 -13.39 -18.31 -11.57
CA ASP B 167 -14.86 -18.52 -11.69
C ASP B 167 -15.38 -19.18 -10.40
N ILE B 168 -16.39 -18.57 -9.77
CA ILE B 168 -16.98 -19.06 -8.48
C ILE B 168 -18.32 -19.78 -8.71
N SER B 169 -18.74 -20.04 -9.95
CA SER B 169 -19.96 -20.85 -10.29
C SER B 169 -20.13 -22.04 -9.35
N GLU B 170 -19.12 -22.87 -9.19
CA GLU B 170 -19.28 -24.15 -8.46
C GLU B 170 -19.47 -23.83 -6.97
N LEU B 171 -18.93 -22.73 -6.44
CA LEU B 171 -19.14 -22.37 -5.02
C LEU B 171 -20.58 -21.89 -4.82
N VAL B 172 -21.10 -21.12 -5.78
CA VAL B 172 -22.48 -20.55 -5.74
C VAL B 172 -23.49 -21.72 -5.76
N ALA B 173 -23.27 -22.73 -6.59
CA ALA B 173 -24.12 -23.94 -6.68
C ALA B 173 -24.18 -24.63 -5.30
N LEU B 174 -23.09 -24.63 -4.53
CA LEU B 174 -23.00 -25.31 -3.21
C LEU B 174 -23.49 -24.41 -2.07
N SER B 175 -23.96 -23.20 -2.41
CA SER B 175 -24.32 -22.13 -1.45
C SER B 175 -25.83 -22.19 -1.17
N ASP B 176 -26.22 -22.26 0.11
CA ASP B 176 -27.64 -22.07 0.54
C ASP B 176 -27.95 -20.58 0.43
N HIS B 177 -26.97 -19.74 0.71
CA HIS B 177 -27.05 -18.26 0.64
C HIS B 177 -25.77 -17.74 -0.03
N ALA B 178 -25.88 -17.21 -1.24
CA ALA B 178 -24.75 -16.64 -2.00
C ALA B 178 -24.90 -15.13 -1.97
N ALA B 179 -24.21 -14.46 -1.05
CA ALA B 179 -24.28 -13.00 -0.87
C ALA B 179 -23.11 -12.34 -1.60
N PHE B 180 -23.34 -11.82 -2.80
CA PHE B 180 -22.30 -11.21 -3.65
C PHE B 180 -22.08 -9.75 -3.22
N SER B 181 -20.86 -9.25 -3.45
CA SER B 181 -20.59 -7.80 -3.65
C SER B 181 -21.03 -7.42 -5.08
N GLU B 182 -21.27 -6.13 -5.31
CA GLU B 182 -21.56 -5.60 -6.67
C GLU B 182 -20.47 -6.06 -7.62
N PRO B 183 -19.17 -5.78 -7.35
CA PRO B 183 -18.10 -6.22 -8.24
C PRO B 183 -18.09 -7.75 -8.42
N GLY B 184 -18.34 -8.49 -7.33
CA GLY B 184 -18.29 -9.96 -7.36
C GLY B 184 -19.33 -10.55 -8.32
N LEU B 185 -20.54 -10.00 -8.27
CA LEU B 185 -21.69 -10.43 -9.12
C LEU B 185 -21.42 -10.08 -10.57
N ALA B 186 -20.93 -8.86 -10.84
CA ALA B 186 -20.54 -8.39 -12.20
C ALA B 186 -19.46 -9.31 -12.79
N ARG B 187 -18.41 -9.59 -12.04
CA ARG B 187 -17.33 -10.52 -12.50
C ARG B 187 -17.95 -11.89 -12.80
N LEU B 188 -18.77 -12.45 -11.91
CA LEU B 188 -19.30 -13.83 -12.07
C LEU B 188 -20.15 -13.94 -13.33
N THR B 189 -21.04 -12.97 -13.56
CA THR B 189 -22.07 -13.03 -14.63
C THR B 189 -21.60 -12.30 -15.88
N GLY B 190 -20.65 -11.37 -15.74
CA GLY B 190 -20.24 -10.45 -16.82
C GLY B 190 -21.36 -9.50 -17.22
N VAL B 191 -22.27 -9.18 -16.31
CA VAL B 191 -23.43 -8.27 -16.54
C VAL B 191 -23.33 -7.11 -15.54
N LYS B 192 -23.33 -5.86 -16.02
CA LYS B 192 -23.09 -4.65 -15.18
C LYS B 192 -24.40 -4.25 -14.50
N GLU B 193 -25.57 -4.54 -15.10
CA GLU B 193 -26.90 -4.13 -14.54
C GLU B 193 -27.27 -5.13 -13.43
N MET B 194 -27.36 -4.66 -12.18
CA MET B 194 -27.48 -5.49 -10.95
C MET B 194 -28.70 -6.42 -11.06
N ALA B 195 -29.85 -5.91 -11.53
CA ALA B 195 -31.13 -6.64 -11.54
C ALA B 195 -31.01 -7.87 -12.44
N SER B 196 -30.44 -7.72 -13.63
CA SER B 196 -30.38 -8.86 -14.58
C SER B 196 -29.23 -9.79 -14.19
N ALA B 197 -28.16 -9.26 -13.59
CA ALA B 197 -27.03 -10.04 -13.04
C ALA B 197 -27.51 -10.98 -11.93
N LEU B 198 -28.32 -10.46 -11.02
CA LEU B 198 -28.84 -11.24 -9.86
C LEU B 198 -29.71 -12.38 -10.40
N LYS B 199 -30.57 -12.13 -11.40
CA LYS B 199 -31.40 -13.20 -12.02
C LYS B 199 -30.48 -14.24 -12.66
N GLN B 200 -29.39 -13.82 -13.30
CA GLN B 200 -28.41 -14.73 -13.94
C GLN B 200 -27.70 -15.56 -12.86
N ALA B 201 -27.26 -14.95 -11.76
CA ALA B 201 -26.66 -15.68 -10.62
C ALA B 201 -27.64 -16.73 -10.10
N GLN B 202 -28.93 -16.40 -10.02
CA GLN B 202 -29.98 -17.31 -9.48
C GLN B 202 -30.01 -18.58 -10.31
N THR B 203 -29.72 -18.53 -11.63
CA THR B 203 -29.72 -19.75 -12.47
C THR B 203 -28.54 -20.68 -12.07
N LEU B 204 -27.59 -20.25 -11.24
CA LEU B 204 -26.42 -21.12 -10.89
C LEU B 204 -26.69 -21.95 -9.64
N THR B 205 -27.77 -21.69 -8.89
CA THR B 205 -27.92 -22.29 -7.55
C THR B 205 -29.40 -22.47 -7.19
N ASN B 206 -29.70 -23.49 -6.40
CA ASN B 206 -31.00 -23.63 -5.71
C ASN B 206 -30.96 -22.90 -4.36
N GLY B 207 -29.87 -22.19 -4.04
CA GLY B 207 -29.83 -21.32 -2.85
C GLY B 207 -30.46 -19.97 -3.11
N HIS B 208 -30.40 -19.08 -2.11
CA HIS B 208 -30.78 -17.66 -2.20
C HIS B 208 -29.59 -16.83 -2.69
N VAL B 209 -29.85 -15.82 -3.52
CA VAL B 209 -28.79 -14.90 -4.04
C VAL B 209 -29.11 -13.51 -3.53
N TYR B 210 -28.08 -12.83 -3.02
CA TYR B 210 -28.13 -11.44 -2.54
C TYR B 210 -27.02 -10.67 -3.25
N VAL B 211 -27.13 -9.36 -3.33
CA VAL B 211 -26.02 -8.49 -3.78
C VAL B 211 -26.02 -7.25 -2.91
N THR B 212 -24.90 -6.99 -2.24
CA THR B 212 -24.71 -5.74 -1.47
C THR B 212 -24.19 -4.67 -2.43
N GLN B 213 -24.57 -3.41 -2.22
CA GLN B 213 -24.24 -2.27 -3.10
C GLN B 213 -23.80 -1.08 -2.25
N GLY B 214 -23.09 -1.32 -1.15
CA GLY B 214 -22.58 -0.23 -0.31
C GLY B 214 -23.73 0.58 0.29
N SER B 215 -23.74 1.90 0.12
CA SER B 215 -24.77 2.79 0.72
C SER B 215 -26.10 2.70 -0.05
N ALA B 216 -26.14 2.04 -1.22
CA ALA B 216 -27.40 1.74 -1.94
C ALA B 216 -28.10 0.52 -1.30
N GLY B 217 -27.50 -0.12 -0.30
CA GLY B 217 -28.12 -1.21 0.46
C GLY B 217 -27.95 -2.58 -0.20
N CYS B 218 -28.96 -3.45 -0.06
CA CYS B 218 -28.87 -4.90 -0.39
C CYS B 218 -30.14 -5.33 -1.12
N ASP B 219 -29.99 -6.09 -2.20
CA ASP B 219 -31.11 -6.66 -2.98
C ASP B 219 -30.98 -8.18 -2.91
N TRP B 220 -32.11 -8.89 -2.93
CA TRP B 220 -32.09 -10.37 -3.00
C TRP B 220 -33.35 -10.85 -3.71
N LEU B 221 -33.35 -12.12 -4.09
CA LEU B 221 -34.48 -12.73 -4.81
C LEU B 221 -35.21 -13.69 -3.85
N GLU B 222 -36.53 -13.52 -3.72
CA GLU B 222 -37.44 -14.51 -3.10
C GLU B 222 -38.47 -14.90 -4.16
N ASN B 223 -38.37 -16.15 -4.61
CA ASN B 223 -39.23 -16.76 -5.67
C ASN B 223 -39.24 -15.87 -6.92
N GLY B 224 -38.06 -15.43 -7.36
CA GLY B 224 -37.89 -14.67 -8.62
C GLY B 224 -38.23 -13.19 -8.44
N GLY B 225 -38.63 -12.77 -7.24
CA GLY B 225 -39.07 -11.39 -6.98
C GLY B 225 -38.03 -10.62 -6.17
N ARG B 226 -37.67 -9.41 -6.59
CA ARG B 226 -36.52 -8.67 -6.05
C ARG B 226 -36.96 -7.94 -4.78
N GLN B 227 -36.36 -8.29 -3.66
CA GLN B 227 -36.51 -7.62 -2.35
C GLN B 227 -35.36 -6.60 -2.20
N HIS B 228 -35.53 -5.60 -1.36
CA HIS B 228 -34.52 -4.54 -1.13
C HIS B 228 -34.47 -4.15 0.35
N GLN B 229 -33.28 -3.87 0.86
CA GLN B 229 -33.05 -3.35 2.22
C GLN B 229 -32.14 -2.13 2.05
N PRO B 230 -32.61 -0.90 2.30
CA PRO B 230 -31.73 0.26 2.19
C PRO B 230 -30.62 0.15 3.25
N ALA B 231 -29.48 0.76 2.95
CA ALA B 231 -28.40 0.99 3.93
C ALA B 231 -28.92 1.98 4.98
N PHE B 232 -28.37 1.93 6.19
CA PHE B 232 -28.62 2.91 7.27
C PHE B 232 -27.55 4.01 7.19
N LYS B 233 -27.96 5.29 7.12
CA LYS B 233 -27.03 6.45 7.03
C LYS B 233 -26.34 6.61 8.38
N VAL B 234 -25.01 6.72 8.37
CA VAL B 234 -24.15 6.96 9.56
C VAL B 234 -23.05 7.93 9.15
N ASP B 235 -22.28 8.47 10.09
CA ASP B 235 -21.03 9.22 9.81
C ASP B 235 -19.97 8.17 9.45
N VAL B 236 -19.74 8.00 8.15
CA VAL B 236 -18.79 7.00 7.58
C VAL B 236 -17.36 7.53 7.71
N VAL B 237 -16.48 6.75 8.35
CA VAL B 237 -15.00 6.92 8.34
C VAL B 237 -14.38 5.94 7.34
N ASP B 238 -14.81 4.67 7.35
CA ASP B 238 -14.11 3.58 6.62
C ASP B 238 -15.10 2.47 6.27
N THR B 239 -15.34 2.24 4.98
CA THR B 239 -16.21 1.14 4.47
C THR B 239 -15.41 -0.16 4.30
N THR B 240 -14.12 -0.19 4.66
CA THR B 240 -13.28 -1.41 4.57
C THR B 240 -13.90 -2.51 5.44
N GLY B 241 -14.22 -3.65 4.85
CA GLY B 241 -14.78 -4.81 5.58
C GLY B 241 -16.29 -4.72 5.81
N ALA B 242 -16.98 -3.68 5.33
CA ALA B 242 -18.45 -3.61 5.41
C ALA B 242 -19.04 -4.94 4.95
N GLY B 243 -18.66 -5.40 3.76
CA GLY B 243 -19.07 -6.70 3.19
C GLY B 243 -18.78 -7.85 4.13
N ASP B 244 -17.56 -7.91 4.66
CA ASP B 244 -17.11 -9.00 5.55
C ASP B 244 -18.03 -9.07 6.79
N VAL B 245 -18.26 -7.92 7.41
CA VAL B 245 -19.08 -7.79 8.64
C VAL B 245 -20.53 -8.11 8.29
N PHE B 246 -21.05 -7.59 7.17
CA PHE B 246 -22.41 -7.95 6.69
C PHE B 246 -22.55 -9.47 6.60
N HIS B 247 -21.57 -10.16 6.02
CA HIS B 247 -21.69 -11.64 5.82
C HIS B 247 -21.67 -12.36 7.17
N GLY B 248 -20.83 -11.93 8.11
CA GLY B 248 -20.75 -12.57 9.44
C GLY B 248 -22.10 -12.45 10.16
N ALA B 249 -22.66 -11.25 10.15
CA ALA B 249 -23.94 -10.90 10.80
C ALA B 249 -25.07 -11.69 10.13
N LEU B 250 -25.07 -11.74 8.80
CA LEU B 250 -26.09 -12.46 8.01
C LEU B 250 -26.11 -13.94 8.38
N ALA B 251 -24.94 -14.57 8.48
CA ALA B 251 -24.81 -16.01 8.82
C ALA B 251 -25.41 -16.28 10.21
N VAL B 252 -25.09 -15.42 11.19
CA VAL B 252 -25.62 -15.57 12.58
C VAL B 252 -27.14 -15.38 12.54
N ALA B 253 -27.62 -14.31 11.89
CA ALA B 253 -29.06 -13.99 11.83
C ALA B 253 -29.84 -15.10 11.11
N LEU B 254 -29.35 -15.60 9.98
CA LEU B 254 -30.01 -16.72 9.26
C LEU B 254 -30.07 -17.97 10.14
N ALA B 255 -29.00 -18.27 10.87
CA ALA B 255 -28.94 -19.47 11.73
C ALA B 255 -29.90 -19.29 12.93
N THR B 256 -30.16 -18.06 13.35
CA THR B 256 -31.02 -17.70 14.50
C THR B 256 -32.49 -17.74 14.09
N SER B 257 -32.90 -17.04 13.03
CA SER B 257 -34.34 -16.71 12.79
C SER B 257 -34.89 -17.34 11.50
N GLY B 258 -34.09 -17.43 10.42
CA GLY B 258 -34.57 -17.93 9.12
C GLY B 258 -35.57 -17.00 8.45
N ASP B 259 -35.81 -15.78 8.98
CA ASP B 259 -36.53 -14.68 8.29
C ASP B 259 -35.52 -13.86 7.47
N LEU B 260 -35.58 -13.93 6.13
CA LEU B 260 -34.55 -13.29 5.27
C LEU B 260 -34.60 -11.77 5.43
N ALA B 261 -35.75 -11.12 5.34
CA ALA B 261 -35.86 -9.65 5.47
C ALA B 261 -35.29 -9.19 6.82
N GLU B 262 -35.61 -9.84 7.94
CA GLU B 262 -35.11 -9.41 9.28
C GLU B 262 -33.59 -9.67 9.37
N SER B 263 -33.08 -10.76 8.77
CA SER B 263 -31.63 -11.12 8.78
C SER B 263 -30.84 -10.07 7.98
N VAL B 264 -31.30 -9.73 6.78
CA VAL B 264 -30.64 -8.73 5.90
C VAL B 264 -30.67 -7.37 6.60
N ARG B 265 -31.78 -7.03 7.23
CA ARG B 265 -31.93 -5.73 7.93
C ARG B 265 -30.90 -5.68 9.08
N PHE B 266 -30.81 -6.76 9.84
CA PHE B 266 -29.89 -6.89 11.00
C PHE B 266 -28.45 -6.73 10.49
N ALA B 267 -28.06 -7.50 9.48
CA ALA B 267 -26.70 -7.47 8.90
C ALA B 267 -26.40 -6.07 8.35
N SER B 268 -27.36 -5.39 7.73
CA SER B 268 -27.17 -4.01 7.23
C SER B 268 -26.85 -3.07 8.38
N GLY B 269 -27.52 -3.24 9.52
CA GLY B 269 -27.28 -2.43 10.72
C GLY B 269 -25.88 -2.66 11.24
N VAL B 270 -25.46 -3.91 11.38
CA VAL B 270 -24.12 -4.29 11.91
C VAL B 270 -23.06 -3.66 10.99
N ALA B 271 -23.23 -3.77 9.67
CA ALA B 271 -22.28 -3.28 8.66
C ALA B 271 -22.22 -1.75 8.71
N ALA B 272 -23.38 -1.09 8.85
CA ALA B 272 -23.48 0.39 8.92
C ALA B 272 -22.63 0.88 10.10
N LEU B 273 -22.77 0.26 11.25
CA LEU B 273 -22.05 0.70 12.48
C LEU B 273 -20.55 0.50 12.30
N LYS B 274 -20.14 -0.61 11.66
CA LYS B 274 -18.71 -0.87 11.37
C LYS B 274 -18.12 0.29 10.59
N CYS B 275 -18.88 0.88 9.65
CA CYS B 275 -18.42 1.98 8.77
C CYS B 275 -18.05 3.23 9.59
N THR B 276 -18.44 3.33 10.86
CA THR B 276 -18.24 4.57 11.66
C THR B 276 -16.84 4.62 12.26
N ARG B 277 -16.04 3.55 12.13
CA ARG B 277 -14.69 3.50 12.78
C ARG B 277 -13.67 2.94 11.79
N PRO B 278 -12.37 3.26 11.97
CA PRO B 278 -11.33 2.80 11.05
C PRO B 278 -11.17 1.27 11.06
N GLY B 279 -10.92 0.69 9.88
CA GLY B 279 -10.59 -0.74 9.69
C GLY B 279 -11.83 -1.61 9.63
N GLY B 280 -11.63 -2.92 9.48
CA GLY B 280 -12.73 -3.88 9.34
C GLY B 280 -13.40 -4.22 10.67
N ARG B 281 -12.86 -3.83 11.83
CA ARG B 281 -13.22 -4.50 13.12
C ARG B 281 -13.59 -3.53 14.26
N ALA B 282 -12.86 -2.43 14.48
CA ALA B 282 -13.07 -1.52 15.62
C ALA B 282 -14.56 -1.10 15.75
N GLY B 283 -15.26 -0.88 14.65
CA GLY B 283 -16.64 -0.38 14.66
C GLY B 283 -17.69 -1.47 14.76
N ILE B 284 -17.29 -2.75 14.85
CA ILE B 284 -18.27 -3.86 14.85
C ILE B 284 -19.07 -3.79 16.15
N PRO B 285 -20.42 -3.65 16.10
CA PRO B 285 -21.24 -3.65 17.32
C PRO B 285 -21.50 -5.04 17.90
N ASP B 286 -21.86 -5.13 19.19
CA ASP B 286 -22.48 -6.35 19.76
C ASP B 286 -23.99 -6.36 19.45
N CYS B 287 -24.69 -7.39 19.91
CA CYS B 287 -26.14 -7.61 19.67
C CYS B 287 -26.96 -6.42 20.22
N ASP B 288 -26.64 -5.98 21.45
CA ASP B 288 -27.40 -4.93 22.17
C ASP B 288 -27.24 -3.60 21.44
N GLN B 289 -26.01 -3.21 21.09
CA GLN B 289 -25.76 -1.96 20.32
C GLN B 289 -26.50 -2.01 18.98
N THR B 290 -26.64 -3.20 18.39
CA THR B 290 -27.30 -3.32 17.07
C THR B 290 -28.80 -3.05 17.23
N ARG B 291 -29.43 -3.71 18.21
CA ARG B 291 -30.89 -3.53 18.47
C ARG B 291 -31.18 -2.05 18.80
N SER B 292 -30.35 -1.37 19.61
CA SER B 292 -30.50 0.08 19.93
C SER B 292 -30.49 0.92 18.65
N PHE B 293 -29.50 0.68 17.80
CA PHE B 293 -29.32 1.40 16.51
C PHE B 293 -30.54 1.18 15.62
N LEU B 294 -31.03 -0.05 15.48
CA LEU B 294 -32.16 -0.36 14.55
C LEU B 294 -33.49 0.25 15.03
N SER B 295 -33.72 0.35 16.35
CA SER B 295 -34.98 0.86 16.96
C SER B 295 -35.28 2.31 16.51
N LEU B 296 -34.28 3.05 16.03
CA LEU B 296 -34.41 4.48 15.60
C LEU B 296 -34.74 4.56 14.11
N PHE B 297 -35.23 3.48 13.49
CA PHE B 297 -35.65 3.44 12.06
C PHE B 297 -37.03 2.76 11.94
N VAL B 298 -37.54 2.58 10.71
CA VAL B 298 -38.84 1.90 10.43
C VAL B 298 -38.63 0.78 9.40
#